data_6ABT
#
_entry.id   6ABT
#
_cell.length_a   67.024
_cell.length_b   67.024
_cell.length_c   90.288
_cell.angle_alpha   90.000
_cell.angle_beta   90.000
_cell.angle_gamma   120.000
#
_symmetry.space_group_name_H-M   'P 64'
#
loop_
_entity.id
_entity.type
_entity.pdbx_description
1 polymer 'PadR family transcriptional regulator'
2 water water
#
_entity_poly.entity_id   1
_entity_poly.type   'polypeptide(L)'
_entity_poly.pdbx_seq_one_letter_code
;ALKGSLEGMILERISRGETYGYEITKYLNDLGFDEIVEGTVYTILVRLEKKGLVEIEKKKSELGPPRKFYTLSPAGEEEL
AIFWKRWDFIQGKIMQVK
;
_entity_poly.pdbx_strand_id   B,A
#
# COMPACT_ATOMS: atom_id res chain seq x y z
N ALA A 1 -7.51 -2.73 1.77
CA ALA A 1 -6.14 -2.98 1.21
C ALA A 1 -5.33 -1.69 0.97
N LEU A 2 -5.93 -0.52 1.28
CA LEU A 2 -5.30 0.81 1.10
C LEU A 2 -5.72 2.01 2.00
N LYS A 3 -6.09 1.70 3.24
CA LYS A 3 -6.54 2.73 4.18
C LYS A 3 -5.54 3.90 4.34
N GLY A 4 -4.25 3.64 4.12
CA GLY A 4 -3.22 4.71 4.11
C GLY A 4 -3.46 5.79 3.04
N SER A 5 -3.78 5.35 1.83
CA SER A 5 -4.11 6.24 0.72
C SER A 5 -5.41 7.04 0.89
N LEU A 6 -6.35 6.52 1.67
CA LEU A 6 -7.66 7.15 1.93
C LEU A 6 -7.60 8.64 2.27
N GLU A 7 -6.66 9.04 3.13
CA GLU A 7 -6.48 10.46 3.50
C GLU A 7 -6.13 11.33 2.27
N GLY A 8 -5.38 10.76 1.32
CA GLY A 8 -4.91 11.47 0.12
C GLY A 8 -5.76 11.32 -1.14
N MET A 9 -6.42 10.17 -1.23
CA MET A 9 -7.51 9.94 -2.14
C MET A 9 -8.64 10.98 -2.01
N ILE A 10 -8.97 11.35 -0.78
CA ILE A 10 -9.99 12.36 -0.47
C ILE A 10 -9.56 13.77 -0.92
N LEU A 11 -8.34 14.16 -0.59
CA LEU A 11 -7.74 15.42 -1.03
C LEU A 11 -7.62 15.51 -2.57
N GLU A 12 -7.43 14.34 -3.19
CA GLU A 12 -7.51 14.22 -4.63
C GLU A 12 -8.90 14.62 -5.19
N ARG A 13 -9.97 14.11 -4.58
CA ARG A 13 -11.34 14.47 -4.97
C ARG A 13 -11.64 15.95 -4.70
N ILE A 14 -11.22 16.46 -3.55
CA ILE A 14 -11.43 17.85 -3.20
C ILE A 14 -10.64 18.80 -4.13
N SER A 15 -9.57 18.30 -4.78
CA SER A 15 -8.75 19.16 -5.63
C SER A 15 -9.38 19.55 -6.98
N ARG A 16 -10.49 18.91 -7.34
CA ARG A 16 -11.11 19.24 -8.62
C ARG A 16 -12.53 19.77 -8.50
N GLY A 17 -12.75 20.68 -7.55
CA GLY A 17 -14.07 21.31 -7.29
C GLY A 17 -14.63 21.15 -5.88
N GLU A 18 -15.36 22.18 -5.42
CA GLU A 18 -16.14 22.15 -4.19
C GLU A 18 -16.96 20.88 -4.13
N THR A 19 -16.83 20.16 -3.03
CA THR A 19 -17.50 18.88 -2.85
C THR A 19 -17.94 18.65 -1.39
N TYR A 20 -18.63 17.54 -1.16
CA TYR A 20 -19.29 17.29 0.13
C TYR A 20 -19.21 15.82 0.47
N GLY A 21 -19.21 15.53 1.76
CA GLY A 21 -19.02 14.19 2.30
C GLY A 21 -19.59 13.05 1.49
N TYR A 22 -20.86 13.20 1.09
CA TYR A 22 -21.57 12.27 0.25
C TYR A 22 -20.98 12.09 -1.14
N GLU A 23 -20.79 13.21 -1.84
CA GLU A 23 -20.19 13.20 -3.19
C GLU A 23 -18.78 12.59 -3.16
N ILE A 24 -17.98 12.97 -2.17
CA ILE A 24 -16.68 12.34 -2.02
C ILE A 24 -16.76 10.84 -1.70
N THR A 25 -17.68 10.42 -0.81
CA THR A 25 -17.90 8.99 -0.51
C THR A 25 -18.35 8.19 -1.74
N LYS A 26 -19.27 8.76 -2.50
CA LYS A 26 -19.76 8.13 -3.73
C LYS A 26 -18.63 7.94 -4.76
N TYR A 27 -17.78 8.96 -4.91
CA TYR A 27 -16.65 8.91 -5.84
C TYR A 27 -15.66 7.80 -5.49
N LEU A 28 -15.40 7.62 -4.20
CA LEU A 28 -14.56 6.52 -3.70
C LEU A 28 -15.21 5.15 -3.93
N ASN A 29 -16.53 5.09 -3.80
CA ASN A 29 -17.35 3.88 -4.03
C ASN A 29 -17.36 3.49 -5.50
N ASP A 30 -17.45 4.50 -6.37
CA ASP A 30 -17.40 4.32 -7.82
C ASP A 30 -16.08 3.80 -8.34
N LEU A 31 -14.99 4.22 -7.69
CA LEU A 31 -13.63 3.73 -8.00
C LEU A 31 -13.40 2.26 -7.65
N GLY A 32 -14.36 1.65 -6.94
CA GLY A 32 -14.28 0.25 -6.53
C GLY A 32 -14.18 0.05 -5.04
N PHE A 33 -13.93 1.13 -4.30
CA PHE A 33 -13.80 1.05 -2.85
C PHE A 33 -15.15 1.22 -2.17
N ASP A 34 -15.95 0.14 -2.22
CA ASP A 34 -17.34 0.12 -1.73
C ASP A 34 -17.52 -0.20 -0.25
N GLU A 35 -16.46 -0.74 0.36
CA GLU A 35 -16.35 -1.00 1.80
C GLU A 35 -16.60 0.21 2.73
N ILE A 36 -16.34 1.44 2.27
CA ILE A 36 -16.45 2.63 3.13
C ILE A 36 -17.85 3.27 3.15
N VAL A 37 -18.21 3.82 4.30
CA VAL A 37 -19.51 4.47 4.52
C VAL A 37 -19.29 5.98 4.64
N GLU A 38 -20.32 6.78 4.33
CA GLU A 38 -20.29 8.23 4.54
C GLU A 38 -19.47 8.64 5.77
N GLY A 39 -19.72 8.00 6.92
CA GLY A 39 -19.13 8.38 8.20
C GLY A 39 -17.61 8.39 8.28
N THR A 40 -17.00 7.28 7.87
CA THR A 40 -15.57 7.15 7.63
C THR A 40 -14.95 8.35 6.85
N VAL A 41 -15.69 8.89 5.88
CA VAL A 41 -15.23 10.02 5.07
C VAL A 41 -15.25 11.31 5.88
N TYR A 42 -16.40 11.59 6.50
CA TYR A 42 -16.58 12.76 7.39
C TYR A 42 -15.58 12.77 8.55
N THR A 43 -15.25 11.58 9.06
CA THR A 43 -14.33 11.46 10.18
C THR A 43 -12.86 11.67 9.76
N ILE A 44 -12.63 11.64 8.45
CA ILE A 44 -11.37 12.10 7.87
C ILE A 44 -11.50 13.57 7.47
N LEU A 45 -12.68 13.96 6.98
CA LEU A 45 -12.95 15.35 6.63
C LEU A 45 -12.82 16.30 7.81
N VAL A 46 -13.17 15.83 9.00
CA VAL A 46 -13.07 16.63 10.21
C VAL A 46 -11.58 16.79 10.52
N ARG A 47 -10.87 15.67 10.52
CA ARG A 47 -9.43 15.62 10.72
C ARG A 47 -8.70 16.63 9.81
N LEU A 48 -9.01 16.60 8.51
CA LEU A 48 -8.39 17.53 7.54
C LEU A 48 -8.66 19.02 7.78
N GLU A 49 -9.75 19.33 8.49
CA GLU A 49 -10.07 20.71 8.85
C GLU A 49 -9.24 21.13 10.05
N LYS A 50 -9.18 20.25 11.06
CA LYS A 50 -8.37 20.44 12.26
C LYS A 50 -6.93 20.78 11.88
N LYS A 51 -6.38 19.99 10.95
CA LYS A 51 -4.98 20.07 10.53
C LYS A 51 -4.75 21.26 9.60
N GLY A 52 -5.85 21.86 9.17
CA GLY A 52 -5.87 23.03 8.32
C GLY A 52 -5.76 22.83 6.81
N LEU A 53 -6.04 21.62 6.30
CA LEU A 53 -5.79 21.31 4.87
C LEU A 53 -7.02 21.49 3.94
N VAL A 54 -8.17 21.84 4.53
CA VAL A 54 -9.39 22.13 3.77
C VAL A 54 -10.02 23.46 4.16
N GLU A 55 -10.74 24.08 3.22
CA GLU A 55 -11.51 25.28 3.51
C GLU A 55 -13.01 24.96 3.45
N ILE A 56 -13.79 25.76 4.19
CA ILE A 56 -15.19 25.45 4.48
C ILE A 56 -16.14 26.54 3.98
N GLU A 57 -17.02 26.18 3.04
CA GLU A 57 -18.19 27.01 2.74
C GLU A 57 -19.44 26.27 3.30
N LYS A 58 -19.91 26.70 4.47
CA LYS A 58 -21.11 26.10 5.06
C LYS A 58 -22.32 26.56 4.28
N LYS A 59 -23.11 25.60 3.80
CA LYS A 59 -24.25 25.92 2.93
C LYS A 59 -25.55 25.47 3.60
N LYS A 60 -26.47 26.43 3.75
CA LYS A 60 -27.78 26.21 4.38
C LYS A 60 -28.88 25.67 3.40
N SER A 61 -29.94 25.10 3.97
CA SER A 61 -31.06 24.50 3.23
C SER A 61 -32.36 24.70 4.03
N GLU A 62 -33.44 25.05 3.33
CA GLU A 62 -34.79 24.98 3.95
C GLU A 62 -35.34 23.58 3.76
N LEU A 63 -34.65 22.77 2.96
CA LEU A 63 -35.09 21.41 2.60
C LEU A 63 -34.50 20.34 3.54
N GLY A 64 -33.26 20.56 4.04
CA GLY A 64 -32.64 19.77 5.14
C GLY A 64 -31.60 20.53 5.99
N PRO A 65 -30.70 19.80 6.70
CA PRO A 65 -29.69 20.36 7.59
C PRO A 65 -28.51 20.98 6.81
N PRO A 66 -27.63 21.75 7.48
CA PRO A 66 -26.56 22.37 6.68
C PRO A 66 -25.41 21.42 6.31
N ARG A 67 -25.01 21.45 5.03
CA ARG A 67 -23.92 20.63 4.52
C ARG A 67 -22.70 21.52 4.39
N LYS A 68 -21.52 20.94 4.59
CA LYS A 68 -20.24 21.63 4.38
C LYS A 68 -19.69 21.35 3.00
N PHE A 69 -19.18 22.37 2.33
CA PHE A 69 -18.52 22.18 1.03
C PHE A 69 -17.02 22.44 1.13
N TYR A 70 -16.24 21.50 0.59
CA TYR A 70 -14.80 21.42 0.84
C TYR A 70 -13.90 21.85 -0.31
N THR A 71 -12.86 22.56 0.07
CA THR A 71 -11.92 23.11 -0.86
C THR A 71 -10.51 22.89 -0.29
N LEU A 72 -9.52 22.73 -1.18
CA LEU A 72 -8.14 22.66 -0.72
C LEU A 72 -7.65 24.00 -0.27
N SER A 73 -7.00 24.00 0.90
CA SER A 73 -6.27 25.15 1.41
C SER A 73 -4.91 25.18 0.71
N PRO A 74 -4.16 26.29 0.81
CA PRO A 74 -2.82 26.17 0.25
C PRO A 74 -1.98 25.06 0.89
N ALA A 75 -2.16 24.82 2.19
CA ALA A 75 -1.47 23.72 2.88
C ALA A 75 -1.86 22.34 2.31
N GLY A 76 -3.14 22.19 2.00
CA GLY A 76 -3.69 20.95 1.43
C GLY A 76 -3.29 20.75 -0.02
N GLU A 77 -3.25 21.86 -0.79
CA GLU A 77 -2.63 21.88 -2.12
C GLU A 77 -1.19 21.32 -2.03
N GLU A 78 -0.38 21.83 -1.08
CA GLU A 78 0.97 21.28 -0.79
C GLU A 78 1.02 19.83 -0.30
N GLU A 79 0.18 19.46 0.67
CA GLU A 79 0.20 18.11 1.27
C GLU A 79 -0.18 17.03 0.26
N LEU A 80 -1.19 17.32 -0.56
CA LEU A 80 -1.55 16.46 -1.70
C LEU A 80 -0.36 16.30 -2.68
N ALA A 81 0.30 17.40 -2.99
CA ALA A 81 1.52 17.36 -3.78
C ALA A 81 2.51 16.36 -3.21
N ILE A 82 2.70 16.34 -1.89
CA ILE A 82 3.65 15.39 -1.25
C ILE A 82 3.17 13.95 -1.38
N PHE A 83 1.93 13.70 -1.00
CA PHE A 83 1.28 12.39 -1.10
C PHE A 83 1.55 11.70 -2.45
N TRP A 84 1.32 12.40 -3.55
CA TRP A 84 1.58 11.86 -4.89
C TRP A 84 3.04 11.51 -5.17
N LYS A 85 3.95 12.43 -4.79
CA LYS A 85 5.40 12.19 -4.83
C LYS A 85 5.81 10.98 -3.99
N ARG A 86 5.13 10.79 -2.85
CA ARG A 86 5.25 9.55 -2.07
C ARG A 86 4.75 8.33 -2.84
N TRP A 87 3.64 8.46 -3.57
CA TRP A 87 3.14 7.35 -4.36
C TRP A 87 4.06 6.95 -5.49
N ASP A 88 4.44 7.96 -6.28
CA ASP A 88 5.38 7.82 -7.39
C ASP A 88 6.64 7.05 -6.98
N PHE A 89 7.20 7.46 -5.84
CA PHE A 89 8.34 6.82 -5.22
C PHE A 89 8.18 5.31 -5.02
N ILE A 90 7.12 4.94 -4.34
CA ILE A 90 6.87 3.55 -3.98
C ILE A 90 6.53 2.65 -5.17
N GLN A 91 5.67 3.13 -6.08
CA GLN A 91 5.41 2.44 -7.35
C GLN A 91 6.70 2.20 -8.14
N GLY A 92 7.52 3.25 -8.24
CA GLY A 92 8.79 3.20 -8.92
C GLY A 92 9.71 2.14 -8.36
N LYS A 93 9.77 2.04 -7.04
CA LYS A 93 10.62 1.03 -6.38
C LYS A 93 10.15 -0.39 -6.60
N ILE A 94 8.86 -0.60 -6.44
CA ILE A 94 8.20 -1.88 -6.71
C ILE A 94 8.45 -2.27 -8.17
N MET A 95 8.38 -1.29 -9.06
CA MET A 95 8.60 -1.48 -10.48
C MET A 95 9.94 -2.12 -10.75
N GLN A 96 11.00 -1.54 -10.16
CA GLN A 96 12.35 -2.10 -10.26
C GLN A 96 12.52 -3.44 -9.53
N VAL A 97 11.78 -3.64 -8.45
CA VAL A 97 11.70 -4.98 -7.84
C VAL A 97 11.19 -6.01 -8.87
N LYS A 98 10.07 -5.70 -9.54
CA LYS A 98 9.52 -6.56 -10.60
C LYS A 98 10.37 -6.53 -11.86
N ALA B 1 5.28 1.30 5.45
CA ALA B 1 4.11 1.41 4.51
C ALA B 1 3.96 0.25 3.49
N LEU B 2 4.78 -0.79 3.63
CA LEU B 2 4.72 -1.96 2.72
C LEU B 2 4.82 -3.31 3.46
N LYS B 3 4.37 -3.33 4.72
CA LYS B 3 4.48 -4.52 5.56
C LYS B 3 3.64 -5.72 5.05
N GLY B 4 2.58 -5.43 4.27
CA GLY B 4 1.78 -6.47 3.60
C GLY B 4 2.38 -7.04 2.31
N SER B 5 3.15 -6.21 1.60
CA SER B 5 3.82 -6.63 0.36
C SER B 5 5.07 -7.46 0.65
N LEU B 6 5.64 -7.24 1.85
CA LEU B 6 6.81 -7.96 2.36
C LEU B 6 6.80 -9.46 2.06
N GLU B 7 5.63 -10.09 2.14
CA GLU B 7 5.50 -11.51 1.83
C GLU B 7 5.70 -11.79 0.33
N GLY B 8 5.20 -10.89 -0.53
CA GLY B 8 5.28 -11.06 -1.98
C GLY B 8 6.63 -10.70 -2.57
N MET B 9 7.16 -9.58 -2.10
CA MET B 9 8.54 -9.18 -2.29
C MET B 9 9.59 -10.26 -1.94
N ILE B 10 9.38 -11.00 -0.85
CA ILE B 10 10.25 -12.15 -0.53
C ILE B 10 10.14 -13.28 -1.58
N LEU B 11 8.90 -13.61 -1.96
CA LEU B 11 8.64 -14.58 -3.04
C LEU B 11 9.24 -14.12 -4.37
N GLU B 12 9.22 -12.82 -4.60
CA GLU B 12 9.90 -12.22 -5.75
C GLU B 12 11.40 -12.52 -5.75
N ARG B 13 12.06 -12.29 -4.61
CA ARG B 13 13.48 -12.62 -4.43
C ARG B 13 13.77 -14.11 -4.62
N ILE B 14 13.04 -14.96 -3.93
CA ILE B 14 13.18 -16.40 -4.15
C ILE B 14 12.97 -16.81 -5.64
N SER B 15 12.29 -15.98 -6.45
CA SER B 15 12.01 -16.37 -7.83
C SER B 15 13.20 -16.29 -8.78
N ARG B 16 14.20 -15.49 -8.40
CA ARG B 16 15.38 -15.32 -9.24
C ARG B 16 16.60 -15.94 -8.58
N GLY B 17 16.64 -17.27 -8.56
CA GLY B 17 17.73 -18.02 -7.90
C GLY B 17 17.49 -18.49 -6.47
N GLU B 18 17.99 -19.69 -6.18
CA GLU B 18 18.07 -20.24 -4.82
C GLU B 18 18.73 -19.23 -3.88
N THR B 19 18.18 -19.11 -2.67
CA THR B 19 18.62 -18.07 -1.73
C THR B 19 18.29 -18.42 -0.26
N TYR B 20 18.73 -17.56 0.65
CA TYR B 20 18.77 -17.86 2.08
C TYR B 20 18.48 -16.59 2.88
N GLY B 21 17.88 -16.79 4.06
CA GLY B 21 17.35 -15.71 4.91
C GLY B 21 18.03 -14.37 4.89
N TYR B 22 19.34 -14.39 5.20
CA TYR B 22 20.21 -13.23 5.16
C TYR B 22 20.26 -12.52 3.79
N GLU B 23 20.49 -13.27 2.71
CA GLU B 23 20.59 -12.71 1.36
C GLU B 23 19.28 -11.98 1.01
N ILE B 24 18.16 -12.63 1.33
CA ILE B 24 16.82 -12.07 1.18
C ILE B 24 16.69 -10.73 1.91
N THR B 25 17.03 -10.73 3.21
CA THR B 25 16.95 -9.55 4.09
C THR B 25 17.87 -8.42 3.62
N LYS B 26 19.05 -8.81 3.11
CA LYS B 26 20.04 -7.87 2.56
C LYS B 26 19.51 -7.28 1.28
N TYR B 27 18.94 -8.12 0.42
CA TYR B 27 18.32 -7.65 -0.84
C TYR B 27 17.26 -6.60 -0.50
N LEU B 28 16.47 -6.87 0.55
CA LEU B 28 15.47 -5.93 1.07
C LEU B 28 16.05 -4.59 1.51
N ASN B 29 17.13 -4.66 2.30
CA ASN B 29 17.94 -3.49 2.69
C ASN B 29 18.47 -2.72 1.46
N ASP B 30 18.87 -3.44 0.40
CA ASP B 30 19.24 -2.80 -0.87
C ASP B 30 18.07 -2.18 -1.66
N LEU B 31 16.87 -2.78 -1.56
CA LEU B 31 15.65 -2.18 -2.09
C LEU B 31 15.30 -0.85 -1.39
N GLY B 32 15.58 -0.74 -0.08
CA GLY B 32 15.33 0.51 0.65
C GLY B 32 14.71 0.47 2.05
N PHE B 33 13.88 -0.53 2.35
CA PHE B 33 13.28 -0.66 3.70
C PHE B 33 14.29 -1.23 4.68
N ASP B 34 15.07 -0.32 5.26
CA ASP B 34 16.13 -0.65 6.21
C ASP B 34 15.57 -0.70 7.64
N GLU B 35 14.24 -0.66 7.71
CA GLU B 35 13.49 -0.97 8.91
C GLU B 35 13.46 -2.50 9.14
N ILE B 36 13.75 -3.25 8.08
CA ILE B 36 13.80 -4.72 8.11
C ILE B 36 14.82 -5.29 9.11
N VAL B 37 14.52 -6.49 9.59
CA VAL B 37 15.39 -7.23 10.50
C VAL B 37 15.51 -8.64 9.98
N GLU B 38 16.70 -9.21 10.04
CA GLU B 38 16.89 -10.62 9.65
C GLU B 38 15.76 -11.51 10.16
N GLY B 39 15.38 -11.34 11.43
CA GLY B 39 14.35 -12.16 12.10
C GLY B 39 13.01 -12.14 11.41
N THR B 40 12.40 -10.95 11.36
CA THR B 40 11.24 -10.61 10.51
C THR B 40 11.15 -11.34 9.15
N VAL B 41 12.29 -11.60 8.50
CA VAL B 41 12.31 -12.33 7.22
C VAL B 41 12.06 -13.83 7.44
N TYR B 42 12.76 -14.40 8.43
CA TYR B 42 12.69 -15.84 8.75
C TYR B 42 11.30 -16.33 9.13
N THR B 43 10.57 -15.51 9.89
CA THR B 43 9.17 -15.84 10.27
C THR B 43 8.28 -15.97 9.05
N ILE B 44 8.46 -15.06 8.10
CA ILE B 44 7.75 -15.12 6.85
C ILE B 44 8.15 -16.38 6.08
N LEU B 45 9.44 -16.61 5.90
CA LEU B 45 9.92 -17.89 5.36
C LEU B 45 9.21 -19.09 5.99
N VAL B 46 9.28 -19.20 7.31
CA VAL B 46 8.65 -20.30 8.05
C VAL B 46 7.18 -20.47 7.66
N ARG B 47 6.42 -19.37 7.66
CA ARG B 47 5.04 -19.37 7.19
C ARG B 47 4.91 -19.88 5.73
N LEU B 48 5.79 -19.39 4.85
CA LEU B 48 5.81 -19.80 3.43
C LEU B 48 6.11 -21.29 3.19
N GLU B 49 7.01 -21.86 4.01
CA GLU B 49 7.23 -23.31 4.04
C GLU B 49 5.94 -24.08 4.43
N LYS B 50 5.28 -23.59 5.48
CA LYS B 50 4.08 -24.23 6.03
C LYS B 50 2.87 -24.07 5.11
N LYS B 51 2.84 -22.98 4.35
CA LYS B 51 1.79 -22.74 3.37
C LYS B 51 2.07 -23.59 2.12
N GLY B 52 3.31 -24.07 2.02
CA GLY B 52 3.74 -24.90 0.91
C GLY B 52 4.19 -24.13 -0.33
N LEU B 53 4.60 -22.87 -0.17
CA LEU B 53 4.95 -22.01 -1.32
C LEU B 53 6.48 -21.95 -1.63
N VAL B 54 7.30 -22.51 -0.74
CA VAL B 54 8.74 -22.57 -0.97
C VAL B 54 9.29 -23.98 -0.79
N GLU B 55 10.42 -24.25 -1.46
CA GLU B 55 11.09 -25.53 -1.33
C GLU B 55 12.42 -25.41 -0.60
N ILE B 56 12.70 -26.41 0.26
CA ILE B 56 13.88 -26.40 1.12
C ILE B 56 14.97 -27.32 0.60
N GLU B 57 16.14 -26.73 0.35
CA GLU B 57 17.40 -27.49 0.33
C GLU B 57 18.19 -27.08 1.58
N LYS B 58 18.18 -27.92 2.60
CA LYS B 58 18.94 -27.68 3.82
C LYS B 58 20.40 -27.99 3.55
N LYS B 59 21.28 -27.01 3.76
CA LYS B 59 22.71 -27.18 3.43
C LYS B 59 23.55 -27.06 4.69
N LYS B 60 24.41 -28.07 4.89
CA LYS B 60 25.26 -28.18 6.10
C LYS B 60 26.63 -27.47 5.96
N SER B 61 27.24 -27.15 7.10
CA SER B 61 28.65 -26.72 7.15
C SER B 61 29.37 -27.26 8.39
N GLU B 62 30.69 -27.46 8.25
CA GLU B 62 31.59 -27.73 9.37
C GLU B 62 32.05 -26.41 9.98
N LEU B 63 31.65 -25.30 9.36
CA LEU B 63 32.01 -23.95 9.83
C LEU B 63 31.01 -23.38 10.85
N GLY B 64 29.71 -23.64 10.63
CA GLY B 64 28.64 -23.29 11.57
C GLY B 64 27.32 -24.02 11.31
N PRO B 65 26.19 -23.47 11.83
CA PRO B 65 24.87 -24.08 11.77
C PRO B 65 24.39 -24.29 10.34
N PRO B 66 23.42 -25.22 10.16
CA PRO B 66 22.94 -25.35 8.78
C PRO B 66 22.02 -24.17 8.39
N ARG B 67 21.97 -23.90 7.10
CA ARG B 67 21.11 -22.86 6.54
C ARG B 67 20.20 -23.57 5.56
N LYS B 68 18.90 -23.26 5.61
CA LYS B 68 17.93 -23.70 4.58
C LYS B 68 18.06 -22.81 3.38
N PHE B 69 18.25 -23.42 2.22
CA PHE B 69 18.09 -22.69 0.98
C PHE B 69 16.66 -22.77 0.46
N TYR B 70 16.16 -21.62 0.03
CA TYR B 70 14.78 -21.51 -0.45
C TYR B 70 14.72 -21.31 -1.95
N THR B 71 13.81 -22.05 -2.55
CA THR B 71 13.42 -21.86 -3.93
C THR B 71 11.86 -21.99 -3.98
N LEU B 72 11.20 -21.55 -5.07
CA LEU B 72 9.71 -21.64 -5.16
C LEU B 72 9.16 -23.01 -5.55
N SER B 73 8.13 -23.44 -4.84
CA SER B 73 7.27 -24.55 -5.26
C SER B 73 6.41 -24.10 -6.46
N PRO B 74 5.81 -25.05 -7.21
CA PRO B 74 4.85 -24.60 -8.23
C PRO B 74 3.75 -23.68 -7.67
N ALA B 75 3.20 -24.01 -6.50
CA ALA B 75 2.23 -23.13 -5.81
C ALA B 75 2.74 -21.71 -5.53
N GLY B 76 4.01 -21.58 -5.13
CA GLY B 76 4.63 -20.26 -4.86
C GLY B 76 4.76 -19.42 -6.12
N GLU B 77 5.22 -20.07 -7.21
CA GLU B 77 5.09 -19.55 -8.58
C GLU B 77 3.69 -18.97 -8.83
N GLU B 78 2.64 -19.77 -8.60
CA GLU B 78 1.24 -19.31 -8.77
C GLU B 78 0.90 -18.11 -7.89
N GLU B 79 1.19 -18.24 -6.60
CA GLU B 79 0.94 -17.20 -5.60
C GLU B 79 1.64 -15.87 -5.88
N LEU B 80 2.85 -15.91 -6.45
CA LEU B 80 3.59 -14.68 -6.74
C LEU B 80 2.97 -13.91 -7.93
N ALA B 81 2.57 -14.68 -8.94
CA ALA B 81 1.81 -14.19 -10.07
C ALA B 81 0.50 -13.51 -9.61
N ILE B 82 -0.23 -14.14 -8.68
CA ILE B 82 -1.46 -13.54 -8.09
C ILE B 82 -1.17 -12.17 -7.46
N PHE B 83 -0.12 -12.11 -6.63
CA PHE B 83 0.40 -10.87 -6.02
C PHE B 83 0.73 -9.78 -7.06
N TRP B 84 1.51 -10.11 -8.10
CA TRP B 84 1.81 -9.12 -9.17
C TRP B 84 0.56 -8.58 -9.85
N LYS B 85 -0.36 -9.48 -10.23
CA LYS B 85 -1.68 -9.14 -10.81
C LYS B 85 -2.44 -8.17 -9.92
N ARG B 86 -2.37 -8.42 -8.61
CA ARG B 86 -2.93 -7.51 -7.61
C ARG B 86 -2.23 -6.13 -7.56
N TRP B 87 -0.90 -6.10 -7.60
CA TRP B 87 -0.21 -4.80 -7.69
C TRP B 87 -0.61 -4.04 -8.96
N ASP B 88 -0.55 -4.73 -10.09
CA ASP B 88 -1.04 -4.23 -11.37
C ASP B 88 -2.45 -3.63 -11.24
N PHE B 89 -3.37 -4.40 -10.64
CA PHE B 89 -4.72 -3.92 -10.39
C PHE B 89 -4.77 -2.63 -9.61
N ILE B 90 -4.07 -2.59 -8.50
CA ILE B 90 -4.12 -1.45 -7.60
C ILE B 90 -3.30 -0.25 -8.07
N GLN B 91 -2.19 -0.50 -8.76
CA GLN B 91 -1.40 0.56 -9.38
C GLN B 91 -2.23 1.25 -10.47
N GLY B 92 -2.87 0.43 -11.31
CA GLY B 92 -3.69 0.92 -12.40
C GLY B 92 -4.82 1.86 -12.00
N LYS B 93 -5.55 1.47 -10.94
CA LYS B 93 -6.68 2.27 -10.46
C LYS B 93 -6.25 3.56 -9.78
N ILE B 94 -5.25 3.45 -8.91
CA ILE B 94 -4.64 4.59 -8.24
C ILE B 94 -4.18 5.63 -9.27
N MET B 95 -3.49 5.13 -10.31
CA MET B 95 -2.92 5.98 -11.34
C MET B 95 -3.99 6.59 -12.22
N GLN B 96 -5.09 5.87 -12.39
CA GLN B 96 -6.28 6.40 -13.08
C GLN B 96 -6.88 7.57 -12.32
N VAL B 97 -7.03 7.41 -10.99
CA VAL B 97 -7.41 8.53 -10.10
C VAL B 97 -6.46 9.72 -10.31
N LYS B 98 -5.16 9.45 -10.16
CA LYS B 98 -4.08 10.44 -10.24
C LYS B 98 -4.12 11.33 -11.49
#